data_4QKB
#
_entry.id   4QKB
#
_cell.length_a   66.737
_cell.length_b   82.759
_cell.length_c   66.724
_cell.angle_alpha   90.00
_cell.angle_beta   119.95
_cell.angle_gamma   90.00
#
_symmetry.space_group_name_H-M   'P 1 21 1'
#
loop_
_entity.id
_entity.type
_entity.pdbx_description
1 polymer 'Alpha-ketoglutarate-dependent dioxygenase alkB homolog 7, mitochondrial'
2 non-polymer 'MANGANESE (II) ION'
3 non-polymer '2-OXOGLUTARIC ACID'
4 water water
#
_entity_poly.entity_id   1
_entity_poly.type   'polypeptide(L)'
_entity_poly.pdbx_seq_one_letter_code
;(MSE)WVRGSGPSVLSRLQDAAVVRPGFLSTAEEETLSRELEPELRRRRYEYDHWDAAIHGFRETEKSRWSEAS(MSE)A
I(MSE)RRVQAAAFGPGQTLLSSVHVLDLEARGYIKPHVDSIKFCGATIAGLSLLSPSV(MSE)RLVHTQEPGEWLELLL
EPGSLYILRGSARYDFSHEILRDEESFFGERRIPRGRRISVICRSLPEG(MSE)GPGESG
;
_entity_poly.pdbx_strand_id   A,B,C
#
loop_
_chem_comp.id
_chem_comp.type
_chem_comp.name
_chem_comp.formula
AKG non-polymer '2-OXOGLUTARIC ACID' 'C5 H6 O5'
MN non-polymer 'MANGANESE (II) ION' 'Mn 2'
#
# COMPACT_ATOMS: atom_id res chain seq x y z
N MSE A 1 11.63 -13.23 -33.09
CA MSE A 1 11.73 -13.72 -31.69
C MSE A 1 11.28 -12.62 -30.79
O MSE A 1 11.87 -11.53 -30.76
CB MSE A 1 13.17 -14.07 -31.35
CG MSE A 1 13.46 -15.55 -31.61
SE MSE A 1 14.61 -16.29 -30.19
CE MSE A 1 14.29 -18.20 -30.55
N TRP A 2 10.22 -12.90 -30.02
CA TRP A 2 9.73 -11.95 -29.03
C TRP A 2 9.86 -12.51 -27.64
N VAL A 3 10.31 -13.76 -27.55
CA VAL A 3 10.57 -14.41 -26.27
C VAL A 3 11.99 -14.98 -26.21
N ARG A 4 12.64 -14.83 -25.06
CA ARG A 4 13.92 -15.48 -24.79
C ARG A 4 13.92 -16.10 -23.38
N GLY A 5 14.32 -17.38 -23.29
CA GLY A 5 14.31 -18.12 -22.03
C GLY A 5 15.69 -18.36 -21.47
N SER A 6 15.74 -18.71 -20.17
CA SER A 6 16.99 -19.04 -19.49
C SER A 6 17.44 -20.47 -19.83
N GLY A 7 16.48 -21.27 -20.32
CA GLY A 7 16.71 -22.62 -20.82
C GLY A 7 15.44 -23.14 -21.48
N PRO A 8 15.52 -24.27 -22.21
CA PRO A 8 14.33 -24.84 -22.85
C PRO A 8 13.28 -25.39 -21.87
N SER A 9 13.65 -25.54 -20.59
CA SER A 9 12.74 -26.05 -19.56
C SER A 9 11.65 -25.03 -19.25
N VAL A 10 12.09 -23.83 -18.86
CA VAL A 10 11.17 -22.73 -18.59
C VAL A 10 10.36 -22.33 -19.84
N LEU A 11 10.97 -22.50 -21.02
CA LEU A 11 10.29 -22.26 -22.30
C LEU A 11 9.16 -23.27 -22.54
N SER A 12 9.45 -24.55 -22.30
CA SER A 12 8.46 -25.62 -22.43
C SER A 12 7.27 -25.37 -21.50
N ARG A 13 7.56 -25.19 -20.21
CA ARG A 13 6.54 -25.03 -19.18
C ARG A 13 5.67 -23.79 -19.33
N LEU A 14 6.20 -22.76 -19.99
CA LEU A 14 5.48 -21.48 -20.12
C LEU A 14 5.04 -21.11 -21.54
N GLN A 15 5.12 -22.06 -22.48
CA GLN A 15 4.81 -21.77 -23.90
C GLN A 15 3.38 -21.25 -24.11
N ASP A 16 2.42 -21.72 -23.31
CA ASP A 16 1.02 -21.30 -23.42
C ASP A 16 0.60 -20.40 -22.26
N ALA A 17 1.53 -20.16 -21.33
CA ALA A 17 1.27 -19.42 -20.09
C ALA A 17 1.74 -17.98 -20.15
N ALA A 18 2.85 -17.73 -20.84
CA ALA A 18 3.43 -16.40 -21.01
C ALA A 18 3.46 -16.06 -22.49
N VAL A 19 2.38 -15.46 -22.99
CA VAL A 19 2.17 -15.31 -24.43
C VAL A 19 2.31 -13.86 -24.87
N VAL A 20 2.91 -13.65 -26.03
CA VAL A 20 2.95 -12.32 -26.67
C VAL A 20 2.45 -12.45 -28.10
N ARG A 21 1.60 -11.52 -28.49
CA ARG A 21 1.10 -11.43 -29.85
C ARG A 21 1.42 -10.04 -30.42
N PRO A 22 2.59 -9.91 -31.06
CA PRO A 22 2.92 -8.65 -31.72
C PRO A 22 1.99 -8.43 -32.90
N GLY A 23 1.51 -7.21 -33.08
CA GLY A 23 0.57 -6.90 -34.16
C GLY A 23 -0.89 -7.26 -33.88
N PHE A 24 -1.23 -7.44 -32.61
CA PHE A 24 -2.63 -7.64 -32.21
C PHE A 24 -3.47 -6.41 -32.57
N LEU A 25 -2.88 -5.23 -32.40
CA LEU A 25 -3.52 -3.96 -32.72
C LEU A 25 -3.02 -3.40 -34.04
N SER A 26 -3.92 -2.82 -34.82
CA SER A 26 -3.54 -2.17 -36.07
C SER A 26 -3.13 -0.74 -35.73
N THR A 27 -2.47 -0.07 -36.67
CA THR A 27 -2.11 1.35 -36.53
C THR A 27 -3.33 2.14 -36.06
N ALA A 28 -4.43 2.02 -36.79
CA ALA A 28 -5.68 2.71 -36.46
C ALA A 28 -6.11 2.41 -35.03
N GLU A 29 -6.06 1.13 -34.64
CA GLU A 29 -6.41 0.72 -33.28
C GLU A 29 -5.50 1.37 -32.24
N GLU A 30 -4.19 1.39 -32.52
CA GLU A 30 -3.23 2.08 -31.65
C GLU A 30 -3.60 3.55 -31.46
N GLU A 31 -3.86 4.24 -32.57
CA GLU A 31 -4.22 5.67 -32.55
C GLU A 31 -5.56 5.94 -31.89
N THR A 32 -6.57 5.14 -32.23
CA THR A 32 -7.86 5.15 -31.54
C THR A 32 -7.64 5.20 -30.03
N LEU A 33 -6.77 4.32 -29.53
CA LEU A 33 -6.47 4.26 -28.10
C LEU A 33 -5.75 5.51 -27.59
N SER A 34 -4.68 5.90 -28.28
CA SER A 34 -3.90 7.12 -27.96
C SER A 34 -4.77 8.36 -27.86
N ARG A 35 -5.60 8.58 -28.88
CA ARG A 35 -6.51 9.72 -28.90
C ARG A 35 -7.38 9.78 -27.66
N GLU A 36 -8.02 8.66 -27.32
CA GLU A 36 -8.98 8.63 -26.22
C GLU A 36 -8.36 8.82 -24.84
N LEU A 37 -7.18 8.23 -24.62
CA LEU A 37 -6.55 8.20 -23.30
C LEU A 37 -5.64 9.39 -22.99
N GLU A 38 -4.97 9.92 -24.02
CA GLU A 38 -3.98 10.98 -23.84
C GLU A 38 -4.49 12.17 -23.01
N PRO A 39 -5.67 12.76 -23.37
CA PRO A 39 -6.19 13.90 -22.62
C PRO A 39 -6.63 13.56 -21.19
N GLU A 40 -7.01 12.31 -20.99
CA GLU A 40 -7.46 11.80 -19.70
C GLU A 40 -6.27 11.67 -18.76
N LEU A 41 -5.18 11.10 -19.27
CA LEU A 41 -3.92 10.94 -18.52
C LEU A 41 -3.18 12.28 -18.31
N ARG A 42 -3.14 13.10 -19.37
CA ARG A 42 -2.50 14.43 -19.33
C ARG A 42 -3.05 15.37 -18.23
N ARG A 43 -4.24 15.08 -17.72
CA ARG A 43 -4.80 15.84 -16.60
C ARG A 43 -4.17 15.45 -15.25
N ARG A 44 -3.30 14.43 -15.24
CA ARG A 44 -2.68 13.97 -13.99
C ARG A 44 -1.17 14.18 -13.89
N ARG A 45 -0.69 14.45 -12.67
CA ARG A 45 0.73 14.52 -12.33
C ARG A 45 1.29 13.12 -12.30
N TYR A 46 2.49 12.94 -12.86
CA TYR A 46 3.26 11.73 -12.61
C TYR A 46 3.54 11.69 -11.11
N GLU A 47 3.23 10.55 -10.49
CA GLU A 47 3.20 10.42 -9.04
C GLU A 47 4.56 10.44 -8.36
N TYR A 48 4.56 10.85 -7.08
CA TYR A 48 5.73 10.76 -6.21
C TYR A 48 6.19 9.31 -6.12
N ASP A 49 7.47 9.08 -6.39
CA ASP A 49 8.05 7.74 -6.31
C ASP A 49 8.26 7.27 -4.86
N HIS A 50 8.12 5.96 -4.67
CA HIS A 50 8.38 5.33 -3.38
C HIS A 50 9.25 4.14 -3.60
N TRP A 51 10.29 4.03 -2.79
CA TRP A 51 11.26 2.94 -2.90
C TRP A 51 10.56 1.61 -2.78
N ASP A 52 9.47 1.59 -2.01
CA ASP A 52 8.73 0.37 -1.69
C ASP A 52 7.55 0.14 -2.62
N ALA A 53 7.47 0.94 -3.67
CA ALA A 53 6.46 0.76 -4.70
C ALA A 53 7.06 -0.02 -5.87
N ALA A 54 6.30 -0.97 -6.39
CA ALA A 54 6.68 -1.72 -7.57
C ALA A 54 6.89 -0.85 -8.82
N ILE A 55 6.07 0.20 -8.96
CA ILE A 55 6.09 1.07 -10.15
C ILE A 55 6.68 2.45 -9.86
N HIS A 56 7.50 2.94 -10.79
CA HIS A 56 8.23 4.21 -10.64
C HIS A 56 8.16 5.03 -11.90
N GLY A 57 7.98 6.34 -11.73
CA GLY A 57 7.88 7.26 -12.86
C GLY A 57 6.59 7.07 -13.63
N PHE A 58 5.48 7.06 -12.90
CA PHE A 58 4.20 6.68 -13.48
C PHE A 58 3.05 7.62 -13.11
N ARG A 59 2.02 7.56 -13.93
CA ARG A 59 0.69 8.04 -13.59
C ARG A 59 -0.27 7.06 -14.21
N GLU A 60 -1.49 6.99 -13.67
CA GLU A 60 -2.44 5.98 -14.06
C GLU A 60 -3.88 6.48 -13.98
N THR A 61 -4.79 5.68 -14.53
CA THR A 61 -6.24 5.85 -14.38
C THR A 61 -6.94 4.49 -14.50
N GLU A 62 -8.13 4.38 -13.91
CA GLU A 62 -8.99 3.20 -14.09
C GLU A 62 -10.14 3.64 -14.98
N LYS A 63 -10.28 2.99 -16.14
CA LYS A 63 -11.27 3.37 -17.15
C LYS A 63 -12.31 2.26 -17.30
N SER A 64 -13.59 2.65 -17.23
CA SER A 64 -14.69 1.71 -17.38
C SER A 64 -15.71 2.17 -18.43
N ARG A 65 -15.60 3.43 -18.84
CA ARG A 65 -16.44 3.99 -19.89
C ARG A 65 -15.60 4.20 -21.16
N TRP A 66 -16.00 3.54 -22.24
CA TRP A 66 -15.24 3.56 -23.49
C TRP A 66 -16.09 4.02 -24.63
N SER A 67 -15.46 4.65 -25.62
CA SER A 67 -16.12 4.91 -26.90
C SER A 67 -16.33 3.56 -27.58
N GLU A 68 -17.05 3.54 -28.68
CA GLU A 68 -17.40 2.28 -29.35
C GLU A 68 -16.22 1.61 -30.03
N ALA A 69 -15.29 2.42 -30.53
CA ALA A 69 -14.08 1.92 -31.21
C ALA A 69 -13.13 1.27 -30.22
N SER A 70 -12.97 1.91 -29.06
CA SER A 70 -12.19 1.35 -27.96
C SER A 70 -12.82 0.09 -27.38
N MSE A 71 -14.14 0.12 -27.20
CA MSE A 71 -14.92 -1.02 -26.72
C MSE A 71 -14.71 -2.24 -27.58
O MSE A 71 -14.70 -3.37 -27.08
CB MSE A 71 -16.39 -0.63 -26.65
CG MSE A 71 -17.32 -1.73 -26.15
SE MSE A 71 -16.98 -2.13 -24.23
CE MSE A 71 -18.19 -0.76 -23.48
N ALA A 72 -14.55 -2.03 -28.89
CA ALA A 72 -14.30 -3.12 -29.84
C ALA A 72 -12.96 -3.81 -29.58
N ILE A 73 -11.95 -3.02 -29.26
CA ILE A 73 -10.60 -3.52 -28.94
C ILE A 73 -10.60 -4.33 -27.63
N MSE A 74 -11.26 -3.80 -26.60
CA MSE A 74 -11.37 -4.47 -25.32
C MSE A 74 -11.99 -5.83 -25.47
O MSE A 74 -11.56 -6.79 -24.82
CB MSE A 74 -12.22 -3.66 -24.33
CG MSE A 74 -11.39 -3.06 -23.21
SE MSE A 74 -9.83 -2.12 -23.98
CE MSE A 74 -8.40 -3.35 -23.40
N ARG A 75 -12.99 -5.92 -26.33
CA ARG A 75 -13.67 -7.19 -26.60
C ARG A 75 -12.77 -8.15 -27.35
N ARG A 76 -11.95 -7.64 -28.26
CA ARG A 76 -10.95 -8.44 -28.96
C ARG A 76 -9.92 -9.04 -27.98
N VAL A 77 -9.44 -8.21 -27.06
CA VAL A 77 -8.60 -8.63 -25.95
C VAL A 77 -9.34 -9.68 -25.13
N GLN A 78 -10.58 -9.37 -24.75
CA GLN A 78 -11.41 -10.26 -23.93
C GLN A 78 -11.57 -11.63 -24.60
N ALA A 79 -11.86 -11.60 -25.91
CA ALA A 79 -12.05 -12.82 -26.69
C ALA A 79 -10.77 -13.66 -26.80
N ALA A 80 -9.64 -12.99 -27.04
CA ALA A 80 -8.36 -13.66 -27.23
C ALA A 80 -7.73 -14.15 -25.93
N ALA A 81 -7.90 -13.41 -24.85
CA ALA A 81 -7.14 -13.67 -23.61
C ALA A 81 -7.92 -14.42 -22.52
N PHE A 82 -9.24 -14.28 -22.53
CA PHE A 82 -10.05 -14.84 -21.45
C PHE A 82 -10.94 -15.99 -21.94
N GLY A 83 -11.03 -17.05 -21.14
CA GLY A 83 -11.90 -18.19 -21.43
C GLY A 83 -13.39 -17.87 -21.19
N PRO A 84 -14.25 -18.91 -21.25
CA PRO A 84 -15.72 -18.83 -21.11
C PRO A 84 -16.22 -17.98 -19.93
N GLN A 86 -13.89 -16.45 -18.32
CA GLN A 86 -13.56 -15.71 -17.10
C GLN A 86 -14.17 -14.31 -17.08
N THR A 87 -14.61 -13.88 -15.90
CA THR A 87 -15.13 -12.52 -15.72
C THR A 87 -14.01 -11.49 -15.51
N LEU A 88 -14.11 -10.38 -16.24
CA LEU A 88 -13.18 -9.27 -16.14
C LEU A 88 -13.50 -8.36 -14.96
N LEU A 89 -12.51 -7.63 -14.47
CA LEU A 89 -12.73 -6.57 -13.48
C LEU A 89 -13.61 -5.46 -14.06
N SER A 90 -14.34 -4.75 -13.20
CA SER A 90 -15.27 -3.70 -13.61
C SER A 90 -14.61 -2.50 -14.31
N SER A 91 -13.30 -2.34 -14.12
CA SER A 91 -12.54 -1.28 -14.79
C SER A 91 -11.27 -1.83 -15.45
N VAL A 92 -10.74 -1.05 -16.38
CA VAL A 92 -9.46 -1.37 -17.05
C VAL A 92 -8.36 -0.39 -16.64
N HIS A 93 -7.18 -0.93 -16.35
CA HIS A 93 -6.05 -0.16 -15.84
C HIS A 93 -5.27 0.44 -16.96
N VAL A 94 -5.17 1.76 -16.96
CA VAL A 94 -4.30 2.44 -17.91
C VAL A 94 -3.08 2.95 -17.16
N LEU A 95 -1.90 2.52 -17.59
CA LEU A 95 -0.65 2.94 -16.98
C LEU A 95 0.16 3.75 -17.99
N ASP A 96 0.64 4.92 -17.55
CA ASP A 96 1.48 5.79 -18.37
C ASP A 96 2.83 5.92 -17.67
N LEU A 97 3.87 5.35 -18.28
CA LEU A 97 5.26 5.47 -17.78
C LEU A 97 6.10 6.48 -18.57
N GLU A 98 6.78 7.38 -17.85
CA GLU A 98 7.74 8.27 -18.50
C GLU A 98 8.96 7.49 -18.97
N ALA A 99 9.73 8.07 -19.89
CA ALA A 99 10.96 7.45 -20.40
C ALA A 99 11.91 6.93 -19.32
N ARG A 100 11.94 7.63 -18.17
CA ARG A 100 12.78 7.23 -17.04
C ARG A 100 12.03 6.33 -16.04
N GLY A 101 10.77 6.05 -16.34
CA GLY A 101 9.94 5.15 -15.55
C GLY A 101 10.17 3.68 -15.89
N TYR A 102 9.81 2.82 -14.93
CA TYR A 102 10.04 1.38 -15.00
C TYR A 102 9.19 0.70 -13.93
N ILE A 103 9.12 -0.63 -14.02
CA ILE A 103 8.40 -1.46 -13.03
C ILE A 103 9.34 -2.52 -12.46
N LYS A 104 9.43 -2.54 -11.12
CA LYS A 104 10.23 -3.49 -10.36
C LYS A 104 9.53 -4.86 -10.29
N PRO A 105 10.30 -5.93 -9.97
CA PRO A 105 9.71 -7.27 -9.85
C PRO A 105 8.57 -7.35 -8.84
N HIS A 106 7.50 -8.04 -9.25
CA HIS A 106 6.28 -8.20 -8.48
C HIS A 106 5.34 -9.21 -9.11
N VAL A 107 4.58 -9.87 -8.24
CA VAL A 107 3.42 -10.68 -8.61
C VAL A 107 2.17 -9.82 -8.40
N ASP A 108 1.29 -9.72 -9.39
CA ASP A 108 0.04 -8.95 -9.22
C ASP A 108 -0.84 -9.56 -8.16
N SER A 109 -1.24 -8.73 -7.20
CA SER A 109 -2.00 -9.15 -6.01
C SER A 109 -2.93 -10.32 -6.26
N ILE A 110 -2.77 -11.39 -5.48
CA ILE A 110 -3.62 -12.58 -5.59
C ILE A 110 -5.01 -12.38 -4.99
N LYS A 111 -5.16 -11.35 -4.15
CA LYS A 111 -6.45 -11.04 -3.54
C LYS A 111 -7.41 -10.38 -4.52
N PHE A 112 -6.89 -9.47 -5.34
CA PHE A 112 -7.73 -8.66 -6.23
C PHE A 112 -7.61 -8.98 -7.71
N CYS A 113 -6.62 -9.79 -8.10
CA CYS A 113 -6.49 -10.21 -9.49
C CYS A 113 -6.78 -11.70 -9.67
N GLY A 114 -7.39 -12.05 -10.80
CA GLY A 114 -7.66 -13.44 -11.13
C GLY A 114 -6.46 -14.14 -11.73
N ALA A 115 -6.72 -15.19 -12.52
CA ALA A 115 -5.64 -16.05 -13.05
C ALA A 115 -4.99 -15.52 -14.32
N THR A 116 -5.70 -14.66 -15.05
CA THR A 116 -5.22 -14.10 -16.33
C THR A 116 -4.98 -12.58 -16.24
N ILE A 117 -3.80 -12.18 -16.70
CA ILE A 117 -3.44 -10.79 -16.93
C ILE A 117 -3.11 -10.66 -18.42
N ALA A 118 -3.72 -9.69 -19.09
CA ALA A 118 -3.40 -9.37 -20.47
C ALA A 118 -3.15 -7.88 -20.58
N GLY A 119 -2.22 -7.49 -21.45
CA GLY A 119 -1.82 -6.10 -21.56
C GLY A 119 -1.41 -5.67 -22.95
N LEU A 120 -1.87 -4.49 -23.34
CA LEU A 120 -1.51 -3.87 -24.60
C LEU A 120 -0.47 -2.81 -24.29
N SER A 121 0.53 -2.72 -25.17
CA SER A 121 1.60 -1.75 -25.06
C SER A 121 1.48 -0.74 -26.18
N LEU A 122 1.62 0.54 -25.83
CA LEU A 122 1.50 1.64 -26.79
C LEU A 122 2.69 2.58 -26.79
N LEU A 123 2.93 3.18 -27.96
CA LEU A 123 3.91 4.27 -28.17
C LEU A 123 5.36 3.82 -28.37
N SER A 124 5.83 2.90 -27.54
CA SER A 124 7.26 2.59 -27.46
C SER A 124 7.51 1.15 -27.03
N PRO A 125 8.57 0.53 -27.58
CA PRO A 125 8.98 -0.82 -27.20
C PRO A 125 9.59 -0.85 -25.80
N SER A 126 9.34 -1.95 -25.07
CA SER A 126 9.98 -2.17 -23.78
C SER A 126 10.22 -3.67 -23.56
N VAL A 127 10.83 -4.04 -22.43
CA VAL A 127 11.08 -5.45 -22.10
C VAL A 127 10.50 -5.89 -20.75
N MSE A 128 9.68 -6.93 -20.79
CA MSE A 128 9.13 -7.53 -19.58
C MSE A 128 9.97 -8.75 -19.26
O MSE A 128 10.10 -9.66 -20.09
CB MSE A 128 7.68 -7.94 -19.81
CG MSE A 128 7.10 -8.54 -18.54
SE MSE A 128 5.12 -8.57 -18.57
CE MSE A 128 4.71 -6.71 -18.05
N ARG A 129 10.56 -8.77 -18.08
CA ARG A 129 11.28 -9.95 -17.64
C ARG A 129 10.54 -10.68 -16.52
N LEU A 130 10.36 -11.98 -16.70
CA LEU A 130 9.68 -12.81 -15.72
C LEU A 130 10.70 -13.72 -15.05
N VAL A 131 10.90 -13.52 -13.75
CA VAL A 131 11.90 -14.24 -12.96
C VAL A 131 11.19 -15.10 -11.89
N HIS A 132 11.56 -16.37 -11.80
CA HIS A 132 10.91 -17.27 -10.83
C HIS A 132 11.10 -16.77 -9.42
N THR A 133 10.01 -16.80 -8.65
CA THR A 133 10.01 -16.24 -7.29
C THR A 133 10.89 -17.01 -6.32
N GLN A 134 11.07 -18.30 -6.58
CA GLN A 134 11.94 -19.13 -5.74
C GLN A 134 13.30 -19.33 -6.38
N GLU A 135 13.37 -19.35 -7.70
CA GLU A 135 14.64 -19.57 -8.42
C GLU A 135 15.02 -18.45 -9.41
N PRO A 136 15.90 -17.53 -8.97
CA PRO A 136 16.39 -16.40 -9.78
C PRO A 136 17.02 -16.84 -11.10
N GLY A 137 17.50 -18.08 -11.17
CA GLY A 137 18.06 -18.65 -12.40
C GLY A 137 17.04 -18.93 -13.49
N GLU A 138 15.78 -19.12 -13.08
CA GLU A 138 14.67 -19.34 -14.01
C GLU A 138 14.01 -18.01 -14.41
N TRP A 139 14.15 -17.65 -15.68
CA TRP A 139 13.55 -16.44 -16.21
C TRP A 139 13.21 -16.52 -17.68
N LEU A 140 12.34 -15.62 -18.12
CA LEU A 140 12.08 -15.33 -19.53
C LEU A 140 12.15 -13.82 -19.71
N GLU A 141 12.49 -13.38 -20.92
CA GLU A 141 12.30 -11.99 -21.33
C GLU A 141 11.28 -11.99 -22.47
N LEU A 142 10.35 -11.04 -22.43
CA LEU A 142 9.38 -10.87 -23.52
C LEU A 142 9.58 -9.49 -24.12
N LEU A 143 9.71 -9.42 -25.45
CA LEU A 143 9.81 -8.14 -26.14
C LEU A 143 8.42 -7.60 -26.48
N LEU A 144 8.12 -6.40 -25.99
CA LEU A 144 6.80 -5.78 -26.15
C LEU A 144 6.84 -4.51 -27.03
N GLU A 145 6.62 -4.67 -28.33
CA GLU A 145 6.62 -3.54 -29.26
C GLU A 145 5.25 -2.84 -29.24
N PRO A 146 5.17 -1.57 -29.69
CA PRO A 146 3.83 -0.96 -29.68
C PRO A 146 2.84 -1.80 -30.48
N GLY A 147 1.59 -1.86 -29.99
CA GLY A 147 0.53 -2.63 -30.62
C GLY A 147 0.50 -4.11 -30.23
N SER A 148 1.37 -4.50 -29.30
CA SER A 148 1.43 -5.90 -28.88
C SER A 148 0.51 -6.20 -27.70
N LEU A 149 -0.05 -7.40 -27.71
CA LEU A 149 -0.76 -7.92 -26.56
C LEU A 149 0.08 -9.03 -25.97
N TYR A 150 0.39 -8.92 -24.69
CA TYR A 150 0.96 -10.05 -23.96
C TYR A 150 -0.12 -10.63 -23.06
N ILE A 151 -0.06 -11.95 -22.85
CA ILE A 151 -0.92 -12.60 -21.88
C ILE A 151 -0.06 -13.37 -20.89
N LEU A 152 -0.29 -13.12 -19.61
CA LEU A 152 0.32 -13.90 -18.54
C LEU A 152 -0.81 -14.58 -17.78
N ARG A 153 -0.69 -15.90 -17.64
CA ARG A 153 -1.70 -16.71 -16.97
C ARG A 153 -1.04 -17.92 -16.28
N GLY A 154 -1.79 -18.58 -15.39
CA GLY A 154 -1.28 -19.73 -14.64
C GLY A 154 0.06 -19.46 -13.99
N SER A 155 1.01 -20.36 -14.23
CA SER A 155 2.36 -20.27 -13.68
C SER A 155 3.05 -18.92 -13.95
N ALA A 156 2.82 -18.36 -15.15
CA ALA A 156 3.39 -17.08 -15.54
C ALA A 156 2.82 -15.90 -14.75
N ARG A 157 1.68 -16.13 -14.09
CA ARG A 157 1.00 -15.10 -13.31
C ARG A 157 1.13 -15.33 -11.81
N TYR A 158 1.30 -16.58 -11.39
CA TYR A 158 1.38 -16.92 -9.97
C TYR A 158 2.78 -17.19 -9.41
N ASP A 159 3.65 -17.80 -10.21
CA ASP A 159 4.95 -18.29 -9.73
C ASP A 159 6.14 -17.43 -10.14
N PHE A 160 5.88 -16.53 -11.10
CA PHE A 160 6.90 -15.62 -11.59
C PHE A 160 6.60 -14.19 -11.17
N SER A 161 7.65 -13.39 -11.07
CA SER A 161 7.50 -11.95 -10.92
C SER A 161 7.48 -11.39 -12.32
N HIS A 162 6.92 -10.18 -12.48
CA HIS A 162 7.15 -9.44 -13.72
C HIS A 162 7.65 -8.05 -13.46
N GLU A 163 8.19 -7.45 -14.52
CA GLU A 163 8.82 -6.15 -14.42
C GLU A 163 9.02 -5.58 -15.80
N ILE A 164 9.08 -4.25 -15.88
CA ILE A 164 9.37 -3.58 -17.16
C ILE A 164 10.68 -2.82 -16.99
N LEU A 165 11.74 -3.38 -17.56
CA LEU A 165 13.11 -2.89 -17.39
C LEU A 165 13.26 -1.39 -17.61
N ARG A 166 14.04 -0.74 -16.74
CA ARG A 166 14.36 0.68 -16.89
C ARG A 166 15.30 0.88 -18.07
N ASP A 167 15.38 2.10 -18.58
CA ASP A 167 16.16 2.41 -19.80
C ASP A 167 17.58 1.88 -19.77
N GLU A 168 18.27 2.11 -18.64
CA GLU A 168 19.68 1.73 -18.48
C GLU A 168 19.88 0.21 -18.49
N GLU A 169 18.84 -0.52 -18.10
CA GLU A 169 18.86 -1.99 -18.04
C GLU A 169 17.96 -2.61 -19.11
N SER A 170 17.64 -1.83 -20.15
CA SER A 170 16.66 -2.26 -21.14
C SER A 170 17.30 -3.02 -22.30
N PHE A 171 17.41 -4.33 -22.12
CA PHE A 171 18.01 -5.21 -23.10
C PHE A 171 17.11 -6.40 -23.38
N PHE A 172 16.80 -6.63 -24.65
CA PHE A 172 16.18 -7.88 -25.07
C PHE A 172 17.28 -8.78 -25.61
N GLY A 173 17.76 -9.69 -24.77
CA GLY A 173 18.96 -10.46 -25.06
C GLY A 173 20.15 -9.53 -25.00
N GLU A 174 20.79 -9.34 -26.15
CA GLU A 174 21.95 -8.45 -26.25
C GLU A 174 21.60 -7.18 -26.98
N ARG A 175 20.38 -7.13 -27.50
CA ARG A 175 19.92 -5.96 -28.22
C ARG A 175 19.42 -4.93 -27.23
N ARG A 176 19.77 -3.68 -27.50
CA ARG A 176 19.28 -2.58 -26.72
C ARG A 176 17.88 -2.18 -27.20
N ILE A 177 16.96 -2.06 -26.25
CA ILE A 177 15.61 -1.57 -26.54
C ILE A 177 15.48 -0.21 -25.84
N PRO A 178 15.72 0.88 -26.60
CA PRO A 178 15.66 2.20 -25.96
C PRO A 178 14.27 2.48 -25.38
N ARG A 179 14.25 2.96 -24.14
CA ARG A 179 13.00 3.28 -23.45
C ARG A 179 12.55 4.72 -23.67
N GLY A 180 11.32 4.89 -24.16
CA GLY A 180 10.66 6.19 -24.20
C GLY A 180 9.44 6.11 -23.32
N ARG A 181 8.57 7.13 -23.37
CA ARG A 181 7.28 7.09 -22.70
C ARG A 181 6.47 5.92 -23.24
N ARG A 182 5.72 5.27 -22.36
CA ARG A 182 4.95 4.09 -22.71
C ARG A 182 3.59 4.10 -22.05
N ILE A 183 2.53 4.02 -22.86
CA ILE A 183 1.18 3.79 -22.33
C ILE A 183 0.86 2.30 -22.42
N SER A 184 0.33 1.74 -21.34
CA SER A 184 -0.15 0.36 -21.34
C SER A 184 -1.58 0.27 -20.80
N VAL A 185 -2.36 -0.65 -21.38
CA VAL A 185 -3.77 -0.88 -21.02
C VAL A 185 -3.96 -2.31 -20.49
N ILE A 186 -4.18 -2.44 -19.18
CA ILE A 186 -4.14 -3.75 -18.52
C ILE A 186 -5.51 -4.29 -18.08
N CYS A 187 -5.92 -5.39 -18.70
CA CYS A 187 -7.10 -6.17 -18.32
C CYS A 187 -6.73 -7.29 -17.38
N ARG A 188 -7.46 -7.41 -16.28
CA ARG A 188 -7.26 -8.45 -15.29
C ARG A 188 -8.56 -9.22 -15.06
N SER A 189 -8.47 -10.54 -14.93
CA SER A 189 -9.62 -11.35 -14.52
C SER A 189 -9.92 -11.13 -13.05
N LEU A 190 -11.15 -11.41 -12.63
CA LEU A 190 -11.52 -11.33 -11.20
C LEU A 190 -11.24 -12.66 -10.48
N PRO A 191 -10.78 -12.61 -9.21
CA PRO A 191 -10.57 -13.78 -8.36
C PRO A 191 -11.69 -14.81 -8.42
N MSE B 1 -33.34 -10.50 9.73
CA MSE B 1 -33.64 -9.06 9.97
C MSE B 1 -32.38 -8.24 9.87
O MSE B 1 -32.30 -7.32 9.05
CB MSE B 1 -34.29 -8.84 11.32
CG MSE B 1 -35.81 -8.84 11.21
SE MSE B 1 -36.56 -7.03 11.57
CE MSE B 1 -37.27 -7.38 13.38
N TRP B 2 -31.40 -8.56 10.71
CA TRP B 2 -30.12 -7.85 10.72
C TRP B 2 -29.03 -8.71 10.18
N VAL B 3 -29.03 -9.99 10.55
CA VAL B 3 -27.99 -10.95 10.12
C VAL B 3 -28.59 -12.11 9.31
N ARG B 4 -27.90 -12.53 8.25
CA ARG B 4 -28.29 -13.70 7.45
C ARG B 4 -27.10 -14.58 7.07
N GLY B 5 -27.22 -15.87 7.33
CA GLY B 5 -26.09 -16.80 7.18
C GLY B 5 -26.19 -17.84 6.07
N SER B 6 -25.06 -18.52 5.84
CA SER B 6 -25.01 -19.67 4.94
C SER B 6 -25.64 -20.91 5.58
N GLY B 7 -25.58 -20.96 6.91
CA GLY B 7 -26.16 -22.06 7.70
C GLY B 7 -26.21 -21.73 9.19
N PRO B 8 -26.88 -22.58 10.00
CA PRO B 8 -27.02 -22.30 11.43
C PRO B 8 -25.70 -22.46 12.19
N SER B 9 -24.72 -23.10 11.56
CA SER B 9 -23.41 -23.32 12.15
C SER B 9 -22.61 -22.02 12.29
N VAL B 10 -22.43 -21.30 11.17
CA VAL B 10 -21.78 -19.99 11.16
C VAL B 10 -22.55 -18.96 11.98
N LEU B 11 -23.88 -19.09 11.98
CA LEU B 11 -24.75 -18.15 12.69
C LEU B 11 -24.56 -18.24 14.20
N SER B 12 -24.70 -19.45 14.76
CA SER B 12 -24.44 -19.70 16.18
C SER B 12 -22.97 -19.42 16.54
N ARG B 13 -22.06 -19.79 15.64
CA ARG B 13 -20.62 -19.69 15.88
C ARG B 13 -20.10 -18.26 16.07
N LEU B 14 -20.59 -17.33 15.26
CA LEU B 14 -20.16 -15.94 15.35
C LEU B 14 -21.18 -15.04 16.05
N GLN B 15 -22.04 -15.63 16.89
CA GLN B 15 -23.16 -14.90 17.47
C GLN B 15 -22.72 -13.73 18.38
N ASP B 16 -21.59 -13.90 19.07
CA ASP B 16 -21.01 -12.83 19.88
C ASP B 16 -19.80 -12.19 19.20
N ALA B 17 -19.45 -12.70 18.04
CA ALA B 17 -18.25 -12.26 17.34
C ALA B 17 -18.55 -11.25 16.23
N ALA B 18 -19.66 -11.45 15.53
CA ALA B 18 -20.12 -10.51 14.51
C ALA B 18 -21.49 -9.98 14.93
N VAL B 19 -21.53 -8.73 15.40
CA VAL B 19 -22.70 -8.18 16.07
C VAL B 19 -23.16 -6.89 15.39
N VAL B 20 -24.46 -6.80 15.09
CA VAL B 20 -25.08 -5.56 14.62
C VAL B 20 -26.00 -4.99 15.71
N ARG B 21 -25.91 -3.69 15.93
CA ARG B 21 -26.83 -3.01 16.82
C ARG B 21 -27.54 -1.87 16.08
N PRO B 22 -28.72 -2.16 15.50
CA PRO B 22 -29.46 -1.11 14.84
C PRO B 22 -29.92 -0.10 15.87
N GLY B 23 -30.02 1.17 15.48
CA GLY B 23 -30.45 2.22 16.41
C GLY B 23 -29.64 2.28 17.69
N PHE B 24 -28.33 2.04 17.59
CA PHE B 24 -27.39 2.33 18.66
C PHE B 24 -27.31 3.85 18.80
N LEU B 25 -27.47 4.51 17.66
CA LEU B 25 -27.51 5.99 17.57
C LEU B 25 -28.94 6.53 17.42
N SER B 26 -29.23 7.62 18.10
CA SER B 26 -30.51 8.31 17.88
C SER B 26 -30.38 9.29 16.71
N THR B 27 -31.49 9.89 16.30
CA THR B 27 -31.45 10.84 15.18
C THR B 27 -30.50 12.01 15.49
N ALA B 28 -30.61 12.53 16.72
CA ALA B 28 -29.76 13.64 17.17
C ALA B 28 -28.27 13.28 17.15
N GLU B 29 -27.96 12.04 17.52
CA GLU B 29 -26.60 11.52 17.46
C GLU B 29 -26.06 11.40 16.03
N GLU B 30 -26.91 10.98 15.10
CA GLU B 30 -26.56 10.96 13.68
C GLU B 30 -26.34 12.39 13.17
N GLU B 31 -27.23 13.28 13.60
CA GLU B 31 -27.13 14.70 13.29
C GLU B 31 -25.75 15.21 13.67
N THR B 32 -25.38 15.02 14.94
CA THR B 32 -24.11 15.46 15.52
C THR B 32 -22.91 15.01 14.70
N LEU B 33 -22.86 13.73 14.38
CA LEU B 33 -21.78 13.18 13.56
C LEU B 33 -21.71 13.81 12.16
N SER B 34 -22.87 13.95 11.51
CA SER B 34 -22.97 14.60 10.18
C SER B 34 -22.54 16.08 10.17
N ARG B 35 -23.09 16.87 11.10
CA ARG B 35 -22.72 18.28 11.22
C ARG B 35 -21.20 18.43 11.35
N GLU B 36 -20.58 17.53 12.12
CA GLU B 36 -19.14 17.61 12.41
C GLU B 36 -18.23 17.01 11.32
N LEU B 37 -18.62 15.86 10.78
CA LEU B 37 -17.76 15.14 9.83
C LEU B 37 -17.89 15.58 8.37
N GLU B 38 -19.05 16.13 8.01
CA GLU B 38 -19.29 16.60 6.64
C GLU B 38 -18.28 17.67 6.17
N PRO B 39 -18.07 18.74 6.95
CA PRO B 39 -17.20 19.82 6.47
C PRO B 39 -15.74 19.41 6.30
N GLU B 40 -15.28 18.45 7.10
CA GLU B 40 -13.92 17.95 6.96
C GLU B 40 -13.76 17.09 5.70
N LEU B 41 -14.77 16.27 5.41
CA LEU B 41 -14.75 15.40 4.23
C LEU B 41 -14.91 16.18 2.93
N ARG B 42 -15.75 17.22 2.96
CA ARG B 42 -16.02 18.08 1.80
C ARG B 42 -14.77 18.84 1.38
N ARG B 43 -13.79 18.91 2.28
CA ARG B 43 -12.50 19.55 1.98
C ARG B 43 -11.64 18.69 1.06
N ARG B 44 -11.96 17.40 0.97
CA ARG B 44 -11.16 16.43 0.23
C ARG B 44 -11.84 15.95 -1.05
N ARG B 45 -11.04 15.76 -2.09
CA ARG B 45 -11.47 15.13 -3.34
C ARG B 45 -11.69 13.62 -3.14
N TYR B 46 -12.66 13.06 -3.85
CA TYR B 46 -12.81 11.61 -3.91
C TYR B 46 -11.60 11.05 -4.64
N GLU B 47 -10.88 10.16 -3.98
CA GLU B 47 -9.61 9.64 -4.47
C GLU B 47 -9.76 8.88 -5.79
N TYR B 48 -8.70 8.90 -6.59
CA TYR B 48 -8.57 8.03 -7.75
C TYR B 48 -8.65 6.56 -7.32
N ASP B 49 -9.41 5.75 -8.06
CA ASP B 49 -9.53 4.32 -7.79
C ASP B 49 -8.29 3.55 -8.26
N HIS B 50 -7.98 2.44 -7.57
CA HIS B 50 -6.91 1.52 -7.97
C HIS B 50 -7.43 0.09 -7.91
N TRP B 51 -7.15 -0.69 -8.95
CA TRP B 51 -7.66 -2.07 -9.05
C TRP B 51 -7.40 -2.91 -7.83
N ASP B 52 -6.19 -2.83 -7.27
CA ASP B 52 -5.85 -3.62 -6.09
C ASP B 52 -6.01 -2.86 -4.77
N ALA B 53 -6.85 -1.83 -4.79
CA ALA B 53 -7.26 -1.15 -3.58
C ALA B 53 -8.61 -1.72 -3.18
N ALA B 54 -8.76 -2.03 -1.89
CA ALA B 54 -9.99 -2.58 -1.33
C ALA B 54 -11.16 -1.63 -1.49
N ILE B 55 -11.00 -0.40 -1.01
CA ILE B 55 -12.05 0.61 -1.08
C ILE B 55 -12.03 1.33 -2.43
N HIS B 56 -13.22 1.54 -3.01
CA HIS B 56 -13.39 2.26 -4.28
C HIS B 56 -14.45 3.32 -4.17
N GLY B 57 -14.21 4.48 -4.78
CA GLY B 57 -15.18 5.57 -4.80
C GLY B 57 -15.29 6.21 -3.43
N PHE B 58 -14.18 6.80 -2.98
CA PHE B 58 -14.04 7.20 -1.58
C PHE B 58 -13.11 8.38 -1.33
N ARG B 59 -13.33 9.00 -0.18
CA ARG B 59 -12.38 9.88 0.46
C ARG B 59 -12.50 9.51 1.94
N GLU B 60 -11.47 9.83 2.71
CA GLU B 60 -11.42 9.41 4.11
C GLU B 60 -10.66 10.43 4.94
N THR B 61 -10.76 10.29 6.26
CA THR B 61 -10.00 11.13 7.19
C THR B 61 -9.75 10.39 8.50
N GLU B 62 -8.62 10.67 9.14
CA GLU B 62 -8.35 10.19 10.50
C GLU B 62 -8.62 11.36 11.45
N LYS B 63 -9.54 11.15 12.40
CA LYS B 63 -9.94 12.19 13.34
C LYS B 63 -9.58 11.78 14.76
N SER B 64 -9.08 12.74 15.54
CA SER B 64 -8.78 12.52 16.96
C SER B 64 -9.24 13.65 17.88
N ARG B 65 -9.49 14.83 17.33
CA ARG B 65 -10.06 15.94 18.10
C ARG B 65 -11.57 15.95 17.91
N TRP B 66 -12.31 15.91 19.01
CA TRP B 66 -13.77 15.80 18.96
C TRP B 66 -14.44 16.83 19.82
N SER B 67 -15.59 17.32 19.37
CA SER B 67 -16.47 18.17 20.20
C SER B 67 -16.98 17.35 21.36
N GLU B 68 -17.71 17.99 22.28
CA GLU B 68 -18.18 17.30 23.49
C GLU B 68 -19.29 16.30 23.18
N ALA B 69 -20.13 16.65 22.21
CA ALA B 69 -21.28 15.82 21.81
C ALA B 69 -20.86 14.59 21.01
N SER B 70 -19.80 14.73 20.22
CA SER B 70 -19.22 13.62 19.48
C SER B 70 -18.33 12.76 20.36
N MSE B 71 -17.77 13.35 21.42
CA MSE B 71 -16.95 12.63 22.39
C MSE B 71 -17.80 11.64 23.13
O MSE B 71 -17.40 10.51 23.36
CB MSE B 71 -16.30 13.58 23.40
CG MSE B 71 -14.83 13.87 23.10
SE MSE B 71 -13.67 12.34 23.57
CE MSE B 71 -12.05 12.93 22.61
N ALA B 72 -19.02 12.07 23.50
CA ALA B 72 -19.94 11.22 24.26
C ALA B 72 -20.30 9.96 23.46
N ILE B 73 -20.46 10.13 22.15
CA ILE B 73 -20.81 9.07 21.23
C ILE B 73 -19.66 8.05 21.05
N MSE B 74 -18.44 8.56 20.87
CA MSE B 74 -17.26 7.71 20.73
C MSE B 74 -17.01 6.91 21.98
O MSE B 74 -16.54 5.77 21.92
CB MSE B 74 -16.03 8.55 20.40
CG MSE B 74 -15.99 9.12 18.98
SE MSE B 74 -17.11 8.15 17.68
CE MSE B 74 -15.89 6.65 17.31
N ARG B 75 -17.34 7.50 23.14
CA ARG B 75 -17.24 6.82 24.43
C ARG B 75 -18.32 5.75 24.64
N ARG B 76 -19.51 5.98 24.06
CA ARG B 76 -20.59 4.98 24.07
C ARG B 76 -20.20 3.73 23.25
N VAL B 77 -19.49 3.95 22.14
CA VAL B 77 -18.96 2.90 21.26
C VAL B 77 -17.86 2.09 21.96
N GLN B 78 -16.96 2.80 22.64
CA GLN B 78 -15.83 2.17 23.33
C GLN B 78 -16.33 1.27 24.45
N ALA B 79 -17.34 1.72 25.17
CA ALA B 79 -17.94 0.92 26.25
C ALA B 79 -18.74 -0.26 25.71
N ALA B 80 -19.34 -0.10 24.54
CA ALA B 80 -20.13 -1.15 23.90
C ALA B 80 -19.27 -2.23 23.24
N ALA B 81 -18.19 -1.81 22.59
CA ALA B 81 -17.39 -2.75 21.79
C ALA B 81 -16.10 -3.22 22.44
N PHE B 82 -15.48 -2.37 23.27
CA PHE B 82 -14.11 -2.60 23.70
C PHE B 82 -13.99 -2.89 25.20
N GLY B 83 -13.28 -3.98 25.52
CA GLY B 83 -13.02 -4.39 26.90
C GLY B 83 -12.01 -3.54 27.66
N PRO B 84 -11.28 -4.17 28.62
CA PRO B 84 -10.44 -3.56 29.66
C PRO B 84 -10.16 -2.07 29.47
N GLN B 86 -9.04 -2.97 26.35
CA GLN B 86 -8.09 -2.93 25.23
C GLN B 86 -7.67 -1.48 24.96
N THR B 87 -6.46 -1.30 24.42
CA THR B 87 -6.02 0.02 23.95
C THR B 87 -6.66 0.34 22.59
N LEU B 88 -7.21 1.55 22.46
CA LEU B 88 -7.80 2.03 21.20
C LEU B 88 -6.74 2.75 20.36
N LEU B 89 -6.92 2.78 19.04
CA LEU B 89 -6.02 3.56 18.18
C LEU B 89 -6.14 5.06 18.50
N SER B 90 -5.04 5.80 18.33
CA SER B 90 -4.97 7.21 18.71
C SER B 90 -5.83 8.13 17.83
N SER B 91 -6.50 7.56 16.83
CA SER B 91 -7.45 8.30 16.02
C SER B 91 -8.53 7.38 15.45
N VAL B 92 -9.70 7.94 15.18
CA VAL B 92 -10.83 7.21 14.56
C VAL B 92 -10.83 7.43 13.04
N HIS B 93 -11.07 6.37 12.29
CA HIS B 93 -11.16 6.42 10.84
C HIS B 93 -12.54 6.79 10.35
N VAL B 94 -12.60 7.83 9.53
CA VAL B 94 -13.87 8.27 8.95
C VAL B 94 -13.85 8.06 7.42
N LEU B 95 -14.78 7.24 6.94
CA LEU B 95 -14.83 6.84 5.53
C LEU B 95 -16.12 7.27 4.86
N ASP B 96 -15.99 7.97 3.73
CA ASP B 96 -17.12 8.46 2.97
C ASP B 96 -17.12 7.77 1.62
N LEU B 97 -18.09 6.89 1.40
CA LEU B 97 -18.30 6.24 0.10
C LEU B 97 -19.40 6.96 -0.71
N GLU B 98 -19.14 7.19 -1.98
CA GLU B 98 -20.18 7.69 -2.88
C GLU B 98 -21.15 6.58 -3.28
N ALA B 99 -22.34 6.96 -3.73
CA ALA B 99 -23.35 5.98 -4.15
C ALA B 99 -22.75 4.90 -5.05
N ARG B 100 -21.87 5.32 -5.97
CA ARG B 100 -21.16 4.42 -6.88
C ARG B 100 -20.12 3.54 -6.18
N GLY B 101 -19.63 3.99 -5.04
CA GLY B 101 -18.55 3.29 -4.32
C GLY B 101 -18.92 2.03 -3.56
N TYR B 102 -17.87 1.29 -3.17
CA TYR B 102 -18.00 -0.02 -2.51
C TYR B 102 -16.67 -0.48 -1.91
N ILE B 103 -16.72 -1.58 -1.15
CA ILE B 103 -15.52 -2.15 -0.53
C ILE B 103 -15.36 -3.63 -0.90
N LYS B 104 -14.15 -3.98 -1.29
CA LYS B 104 -13.83 -5.34 -1.70
C LYS B 104 -13.53 -6.23 -0.50
N PRO B 105 -13.65 -7.55 -0.67
CA PRO B 105 -13.33 -8.51 0.40
C PRO B 105 -11.89 -8.36 0.88
N HIS B 106 -11.72 -8.29 2.20
CA HIS B 106 -10.41 -8.09 2.82
C HIS B 106 -10.47 -8.33 4.30
N VAL B 107 -9.30 -8.67 4.86
CA VAL B 107 -9.10 -8.70 6.30
C VAL B 107 -8.26 -7.48 6.68
N ASP B 108 -8.78 -6.67 7.59
CA ASP B 108 -8.03 -5.53 8.09
C ASP B 108 -6.66 -5.98 8.60
N SER B 109 -5.62 -5.32 8.11
CA SER B 109 -4.21 -5.54 8.51
C SER B 109 -4.05 -5.92 10.00
N ILE B 110 -3.32 -7.00 10.24
CA ILE B 110 -3.13 -7.53 11.60
C ILE B 110 -1.97 -6.84 12.34
N LYS B 111 -1.12 -6.16 11.57
CA LYS B 111 0.00 -5.40 12.11
C LYS B 111 -0.47 -4.11 12.78
N PHE B 112 -1.40 -3.40 12.15
CA PHE B 112 -1.87 -2.10 12.64
C PHE B 112 -3.23 -2.12 13.34
N CYS B 113 -3.92 -3.27 13.31
CA CYS B 113 -5.23 -3.42 13.95
C CYS B 113 -5.32 -4.65 14.85
N GLY B 114 -5.89 -4.46 16.04
CA GLY B 114 -6.07 -5.55 17.00
C GLY B 114 -7.28 -6.43 16.76
N ALA B 115 -7.78 -7.04 17.83
CA ALA B 115 -8.89 -8.01 17.75
C ALA B 115 -10.32 -7.44 17.65
N THR B 116 -10.50 -6.12 17.76
CA THR B 116 -11.83 -5.54 17.60
C THR B 116 -11.90 -4.39 16.58
N ILE B 117 -12.82 -4.52 15.64
CA ILE B 117 -13.27 -3.42 14.79
C ILE B 117 -14.71 -3.09 15.20
N ALA B 118 -15.05 -1.80 15.23
CA ALA B 118 -16.39 -1.34 15.59
C ALA B 118 -16.80 -0.18 14.70
N GLY B 119 -17.87 -0.37 13.94
CA GLY B 119 -18.24 0.58 12.89
C GLY B 119 -19.65 1.12 12.94
N LEU B 120 -19.75 2.45 12.96
CA LEU B 120 -21.01 3.15 12.90
C LEU B 120 -21.28 3.53 11.46
N SER B 121 -22.53 3.35 11.02
CA SER B 121 -22.97 3.71 9.65
C SER B 121 -23.91 4.92 9.64
N LEU B 122 -23.73 5.82 8.67
CA LEU B 122 -24.55 7.03 8.56
C LEU B 122 -25.07 7.22 7.15
N LEU B 123 -26.18 7.95 7.04
CA LEU B 123 -26.74 8.47 5.78
C LEU B 123 -27.60 7.49 4.99
N SER B 124 -27.03 6.35 4.60
CA SER B 124 -27.75 5.37 3.80
C SER B 124 -27.56 3.95 4.30
N PRO B 125 -28.43 3.01 3.89
CA PRO B 125 -28.22 1.61 4.25
C PRO B 125 -27.23 0.90 3.33
N SER B 126 -26.64 -0.19 3.84
CA SER B 126 -25.79 -1.07 3.03
C SER B 126 -25.67 -2.47 3.66
N VAL B 127 -25.01 -3.37 2.92
CA VAL B 127 -24.81 -4.75 3.34
C VAL B 127 -23.33 -5.06 3.44
N MSE B 128 -22.90 -5.43 4.64
CA MSE B 128 -21.58 -6.01 4.83
C MSE B 128 -21.70 -7.50 4.69
O MSE B 128 -22.42 -8.14 5.44
CB MSE B 128 -21.07 -5.70 6.23
CG MSE B 128 -19.65 -6.22 6.44
SE MSE B 128 -18.83 -5.39 8.04
CE MSE B 128 -18.38 -3.62 7.28
N ARG B 129 -20.98 -8.07 3.73
CA ARG B 129 -20.87 -9.52 3.64
C ARG B 129 -19.54 -9.95 4.23
N LEU B 130 -19.61 -10.97 5.10
CA LEU B 130 -18.42 -11.60 5.67
C LEU B 130 -18.31 -12.99 5.10
N VAL B 131 -17.12 -13.33 4.60
CA VAL B 131 -16.86 -14.64 3.98
C VAL B 131 -15.58 -15.23 4.57
N HIS B 132 -15.63 -16.52 4.89
CA HIS B 132 -14.45 -17.25 5.39
C HIS B 132 -13.35 -17.22 4.37
N THR B 133 -12.13 -16.96 4.81
CA THR B 133 -10.98 -16.83 3.92
C THR B 133 -10.47 -18.18 3.39
N GLN B 134 -10.86 -19.25 4.06
CA GLN B 134 -10.49 -20.62 3.67
C GLN B 134 -11.63 -21.37 2.98
N GLU B 135 -12.85 -21.28 3.52
CA GLU B 135 -14.01 -21.98 2.96
C GLU B 135 -15.14 -21.02 2.50
N PRO B 136 -15.09 -20.59 1.21
CA PRO B 136 -16.07 -19.68 0.59
C PRO B 136 -17.53 -19.96 0.94
N GLY B 137 -17.88 -21.25 1.02
CA GLY B 137 -19.25 -21.66 1.29
C GLY B 137 -19.78 -21.33 2.67
N GLU B 138 -18.95 -20.67 3.49
CA GLU B 138 -19.36 -20.20 4.81
C GLU B 138 -19.29 -18.68 4.92
N TRP B 139 -20.45 -18.06 5.13
CA TRP B 139 -20.58 -16.61 5.05
C TRP B 139 -21.70 -16.03 5.86
N LEU B 140 -21.62 -14.72 6.09
CA LEU B 140 -22.71 -13.94 6.70
C LEU B 140 -22.97 -12.68 5.89
N GLU B 141 -24.22 -12.20 5.97
CA GLU B 141 -24.55 -10.86 5.52
C GLU B 141 -25.08 -10.08 6.73
N LEU B 142 -24.52 -8.89 6.97
CA LEU B 142 -25.06 -7.99 7.99
C LEU B 142 -25.73 -6.78 7.34
N LEU B 143 -26.95 -6.49 7.76
CA LEU B 143 -27.68 -5.32 7.29
C LEU B 143 -27.29 -4.11 8.13
N LEU B 144 -26.71 -3.11 7.47
CA LEU B 144 -26.15 -1.93 8.11
C LEU B 144 -26.95 -0.67 7.77
N GLU B 145 -27.95 -0.37 8.58
CA GLU B 145 -28.79 0.81 8.41
C GLU B 145 -28.10 1.97 9.09
N PRO B 146 -28.47 3.23 8.71
CA PRO B 146 -28.04 4.42 9.46
C PRO B 146 -28.29 4.29 10.96
N GLY B 147 -27.34 4.82 11.74
CA GLY B 147 -27.46 4.79 13.19
C GLY B 147 -27.01 3.50 13.86
N SER B 148 -26.64 2.52 13.05
CA SER B 148 -26.26 1.19 13.56
C SER B 148 -24.81 1.12 13.99
N LEU B 149 -24.53 0.21 14.92
CA LEU B 149 -23.17 -0.14 15.29
C LEU B 149 -22.93 -1.61 14.98
N TYR B 150 -21.96 -1.91 14.12
CA TYR B 150 -21.47 -3.29 14.00
C TYR B 150 -20.17 -3.48 14.77
N ILE B 151 -19.99 -4.68 15.30
CA ILE B 151 -18.77 -5.08 15.97
C ILE B 151 -18.29 -6.37 15.35
N LEU B 152 -17.04 -6.38 14.87
CA LEU B 152 -16.37 -7.60 14.41
C LEU B 152 -15.21 -7.91 15.34
N ARG B 153 -15.20 -9.12 15.89
CA ARG B 153 -14.16 -9.53 16.85
C ARG B 153 -13.77 -11.00 16.70
N GLY B 154 -12.58 -11.35 17.16
CA GLY B 154 -12.11 -12.73 17.12
C GLY B 154 -12.16 -13.27 15.71
N SER B 155 -12.79 -14.43 15.54
CA SER B 155 -12.87 -15.11 14.24
C SER B 155 -13.45 -14.22 13.14
N ALA B 156 -14.46 -13.44 13.48
CA ALA B 156 -15.13 -12.50 12.57
C ALA B 156 -14.15 -11.47 12.02
N ARG B 157 -13.13 -11.16 12.81
CA ARG B 157 -12.10 -10.18 12.45
C ARG B 157 -10.88 -10.83 11.78
N TYR B 158 -10.58 -12.08 12.12
CA TYR B 158 -9.36 -12.75 11.67
C TYR B 158 -9.60 -13.77 10.55
N ASP B 159 -10.58 -14.65 10.75
CA ASP B 159 -10.84 -15.74 9.81
C ASP B 159 -11.75 -15.32 8.66
N PHE B 160 -12.48 -14.24 8.85
CA PHE B 160 -13.45 -13.78 7.86
C PHE B 160 -13.07 -12.45 7.20
N SER B 161 -13.28 -12.37 5.89
CA SER B 161 -13.15 -11.11 5.18
C SER B 161 -14.45 -10.34 5.31
N HIS B 162 -14.36 -9.01 5.31
CA HIS B 162 -15.55 -8.18 5.24
C HIS B 162 -15.51 -7.34 3.99
N GLU B 163 -16.70 -6.91 3.58
CA GLU B 163 -16.87 -6.09 2.38
C GLU B 163 -18.20 -5.33 2.46
N ILE B 164 -18.29 -4.25 1.71
CA ILE B 164 -19.54 -3.51 1.54
C ILE B 164 -19.91 -3.56 0.06
N LEU B 165 -21.11 -4.05 -0.23
CA LEU B 165 -21.50 -4.35 -1.60
C LEU B 165 -21.80 -3.12 -2.43
N ARG B 166 -21.39 -3.16 -3.69
CA ARG B 166 -21.70 -2.12 -4.65
C ARG B 166 -23.18 -2.18 -4.99
N ASP B 167 -23.74 -1.07 -5.45
CA ASP B 167 -25.16 -0.97 -5.76
C ASP B 167 -25.68 -2.22 -6.51
N GLU B 168 -25.01 -2.58 -7.61
CA GLU B 168 -25.38 -3.75 -8.41
C GLU B 168 -25.52 -5.08 -7.65
N GLU B 169 -24.79 -5.22 -6.54
CA GLU B 169 -24.75 -6.47 -5.78
C GLU B 169 -25.34 -6.31 -4.39
N SER B 170 -25.91 -5.14 -4.11
CA SER B 170 -26.39 -4.79 -2.79
C SER B 170 -27.67 -5.56 -2.42
N PHE B 171 -27.49 -6.78 -1.93
CA PHE B 171 -28.61 -7.63 -1.55
C PHE B 171 -28.48 -8.15 -0.13
N PHE B 172 -29.54 -7.96 0.65
CA PHE B 172 -29.65 -8.57 1.97
C PHE B 172 -30.58 -9.77 1.84
N GLY B 173 -29.99 -10.91 1.57
CA GLY B 173 -30.73 -12.08 1.11
C GLY B 173 -31.29 -11.77 -0.26
N GLU B 174 -32.60 -11.95 -0.39
CA GLU B 174 -33.30 -11.72 -1.65
C GLU B 174 -33.64 -10.25 -1.87
N ARG B 175 -33.67 -9.47 -0.79
CA ARG B 175 -34.06 -8.06 -0.86
C ARG B 175 -32.94 -7.13 -1.31
N ARG B 176 -33.27 -6.26 -2.27
CA ARG B 176 -32.38 -5.20 -2.72
C ARG B 176 -32.33 -4.09 -1.68
N ILE B 177 -31.11 -3.63 -1.39
CA ILE B 177 -30.89 -2.47 -0.52
C ILE B 177 -30.21 -1.38 -1.37
N PRO B 178 -31.01 -0.48 -1.98
CA PRO B 178 -30.42 0.53 -2.86
C PRO B 178 -29.31 1.33 -2.17
N ARG B 179 -28.15 1.40 -2.82
CA ARG B 179 -26.99 2.09 -2.27
C ARG B 179 -27.02 3.59 -2.60
N GLY B 180 -26.76 4.42 -1.58
CA GLY B 180 -26.51 5.84 -1.76
C GLY B 180 -25.16 6.21 -1.16
N ARG B 181 -24.95 7.49 -0.87
CA ARG B 181 -23.71 7.91 -0.22
C ARG B 181 -23.71 7.42 1.24
N ARG B 182 -22.55 6.94 1.69
CA ARG B 182 -22.43 6.42 3.05
C ARG B 182 -21.19 6.92 3.74
N ILE B 183 -21.36 7.43 4.95
CA ILE B 183 -20.27 7.77 5.86
C ILE B 183 -20.20 6.72 6.97
N SER B 184 -19.04 6.11 7.15
CA SER B 184 -18.82 5.20 8.26
C SER B 184 -17.73 5.73 9.19
N VAL B 185 -17.83 5.41 10.48
CA VAL B 185 -16.89 5.85 11.52
C VAL B 185 -16.34 4.62 12.25
N ILE B 186 -15.06 4.31 12.03
CA ILE B 186 -14.47 3.03 12.43
C ILE B 186 -13.47 3.14 13.59
N CYS B 187 -13.83 2.54 14.73
CA CYS B 187 -12.91 2.35 15.85
C CYS B 187 -12.19 1.01 15.73
N ARG B 188 -10.86 1.07 15.81
CA ARG B 188 -10.05 -0.13 15.83
C ARG B 188 -9.29 -0.18 17.14
N SER B 189 -8.90 -1.39 17.54
CA SER B 189 -8.08 -1.55 18.73
C SER B 189 -6.61 -1.70 18.34
N LEU B 190 -5.74 -1.40 19.30
CA LEU B 190 -4.29 -1.56 19.15
C LEU B 190 -3.95 -3.04 19.30
N PRO B 191 -3.06 -3.56 18.44
CA PRO B 191 -2.66 -4.98 18.51
C PRO B 191 -1.79 -5.33 19.72
N MSE C 1 25.32 7.15 26.13
CA MSE C 1 24.68 5.80 26.17
C MSE C 1 24.38 5.34 24.77
O MSE C 1 24.93 4.33 24.31
CB MSE C 1 23.41 5.88 27.02
CG MSE C 1 22.88 4.50 27.39
SE MSE C 1 23.64 3.91 29.12
CE MSE C 1 22.15 4.53 30.30
N TRP C 2 23.50 6.08 24.09
CA TRP C 2 23.12 5.87 22.68
C TRP C 2 22.36 4.59 22.42
N VAL C 3 22.41 3.65 23.35
CA VAL C 3 21.69 2.38 23.24
C VAL C 3 21.28 1.85 24.63
N ARG C 4 20.05 1.35 24.73
CA ARG C 4 19.52 0.71 25.95
C ARG C 4 18.66 -0.49 25.59
N GLY C 5 18.70 -1.54 26.41
CA GLY C 5 18.01 -2.80 26.09
C GLY C 5 17.19 -3.43 27.20
N SER C 6 16.47 -4.49 26.84
CA SER C 6 15.75 -5.31 27.82
C SER C 6 16.75 -6.14 28.62
N GLY C 7 17.04 -7.36 28.16
CA GLY C 7 18.12 -8.18 28.72
C GLY C 7 19.39 -8.04 27.91
N PRO C 8 20.54 -7.76 28.56
CA PRO C 8 21.84 -7.57 27.88
C PRO C 8 22.27 -8.72 26.95
N SER C 9 21.58 -9.85 27.02
CA SER C 9 21.77 -10.98 26.08
C SER C 9 21.19 -10.69 24.68
N VAL C 10 20.59 -9.52 24.52
CA VAL C 10 20.14 -9.05 23.20
C VAL C 10 20.98 -7.85 22.76
N LEU C 11 21.54 -7.13 23.73
CA LEU C 11 22.45 -6.02 23.49
C LEU C 11 23.80 -6.50 22.94
N SER C 12 24.28 -7.64 23.46
CA SER C 12 25.50 -8.26 22.96
C SER C 12 25.20 -9.07 21.69
N ARG C 13 23.97 -9.55 21.58
CA ARG C 13 23.51 -10.31 20.41
C ARG C 13 23.45 -9.42 19.16
N LEU C 14 23.06 -8.17 19.36
CA LEU C 14 22.92 -7.21 18.25
C LEU C 14 23.91 -6.05 18.37
N GLN C 15 25.08 -6.32 18.94
CA GLN C 15 26.12 -5.29 19.14
C GLN C 15 26.73 -4.81 17.82
N ASP C 16 26.69 -5.68 16.81
CA ASP C 16 27.20 -5.37 15.48
C ASP C 16 26.08 -5.35 14.41
N ALA C 17 24.83 -5.39 14.88
CA ALA C 17 23.66 -5.44 14.00
C ALA C 17 22.77 -4.19 14.12
N ALA C 18 22.78 -3.57 15.30
CA ALA C 18 22.06 -2.34 15.53
C ALA C 18 23.03 -1.32 16.10
N VAL C 19 23.57 -0.50 15.22
CA VAL C 19 24.70 0.37 15.52
C VAL C 19 24.27 1.82 15.41
N VAL C 20 24.63 2.63 16.41
CA VAL C 20 24.44 4.08 16.32
C VAL C 20 25.78 4.80 16.39
N ARG C 21 26.02 5.69 15.43
CA ARG C 21 27.25 6.48 15.39
C ARG C 21 26.92 7.98 15.47
N PRO C 22 26.80 8.50 16.72
CA PRO C 22 26.52 9.92 16.90
C PRO C 22 27.69 10.76 16.44
N GLY C 23 27.40 11.96 15.96
CA GLY C 23 28.44 12.88 15.50
C GLY C 23 29.14 12.48 14.21
N PHE C 24 28.70 11.38 13.59
CA PHE C 24 29.17 10.96 12.26
C PHE C 24 29.21 12.18 11.33
N LEU C 25 28.18 13.00 11.38
CA LEU C 25 28.11 14.23 10.62
C LEU C 25 28.57 15.44 11.45
N SER C 26 28.96 16.49 10.74
CA SER C 26 29.37 17.74 11.37
C SER C 26 28.32 18.80 11.07
N THR C 27 28.36 19.91 11.82
CA THR C 27 27.46 21.03 11.60
C THR C 27 27.39 21.42 10.12
N ALA C 28 28.55 21.44 9.46
CA ALA C 28 28.66 21.79 8.04
C ALA C 28 27.96 20.76 7.16
N GLU C 29 28.10 19.48 7.51
CA GLU C 29 27.43 18.39 6.79
C GLU C 29 25.93 18.33 7.10
N GLU C 30 25.55 18.79 8.30
CA GLU C 30 24.13 18.96 8.65
C GLU C 30 23.52 20.11 7.84
N GLU C 31 24.19 21.27 7.89
CA GLU C 31 23.78 22.45 7.12
C GLU C 31 23.68 22.14 5.62
N THR C 32 24.69 21.47 5.05
CA THR C 32 24.66 21.05 3.65
C THR C 32 23.36 20.32 3.29
N LEU C 33 23.02 19.31 4.11
CA LEU C 33 21.82 18.48 3.88
C LEU C 33 20.51 19.26 4.03
N SER C 34 20.36 20.03 5.11
CA SER C 34 19.17 20.86 5.33
C SER C 34 18.95 21.82 4.17
N ARG C 35 20.00 22.56 3.81
CA ARG C 35 19.94 23.58 2.78
C ARG C 35 19.50 23.01 1.43
N GLU C 36 19.92 21.77 1.15
CA GLU C 36 19.64 21.15 -0.12
C GLU C 36 18.23 20.53 -0.16
N LEU C 37 17.87 19.87 0.92
CA LEU C 37 16.64 19.05 0.98
C LEU C 37 15.35 19.82 1.26
N GLU C 38 15.44 20.92 2.01
CA GLU C 38 14.26 21.71 2.37
C GLU C 38 13.45 22.27 1.17
N PRO C 39 14.13 22.86 0.16
CA PRO C 39 13.40 23.30 -1.02
C PRO C 39 12.50 22.22 -1.58
N GLU C 40 13.04 21.00 -1.69
CA GLU C 40 12.33 19.87 -2.28
C GLU C 40 11.17 19.37 -1.43
N LEU C 41 11.38 19.31 -0.11
CA LEU C 41 10.36 18.83 0.81
C LEU C 41 9.20 19.81 0.95
N ARG C 42 9.50 21.11 0.94
CA ARG C 42 8.47 22.13 1.06
C ARG C 42 7.54 22.22 -0.16
N ARG C 43 8.04 21.78 -1.31
CA ARG C 43 7.21 21.66 -2.53
C ARG C 43 6.03 20.73 -2.30
N ARG C 44 6.07 19.96 -1.21
CA ARG C 44 5.03 18.98 -0.90
C ARG C 44 4.33 19.26 0.42
N ARG C 45 3.04 18.91 0.49
CA ARG C 45 2.28 18.97 1.74
C ARG C 45 2.47 17.70 2.54
N TYR C 46 2.44 17.82 3.87
CA TYR C 46 2.37 16.66 4.74
C TYR C 46 1.14 15.84 4.36
N GLU C 47 1.31 14.51 4.34
CA GLU C 47 0.30 13.63 3.77
C GLU C 47 -0.84 13.31 4.71
N TYR C 48 -2.02 13.13 4.13
CA TYR C 48 -3.20 12.64 4.86
C TYR C 48 -2.79 11.38 5.61
N ASP C 49 -3.03 11.34 6.93
CA ASP C 49 -2.71 10.16 7.74
C ASP C 49 -3.68 9.00 7.50
N HIS C 50 -3.14 7.78 7.49
CA HIS C 50 -3.93 6.56 7.35
C HIS C 50 -3.59 5.62 8.48
N TRP C 51 -4.60 5.11 9.18
CA TRP C 51 -4.41 4.19 10.32
C TRP C 51 -3.49 3.03 9.98
N ASP C 52 -3.64 2.49 8.76
CA ASP C 52 -2.89 1.30 8.31
C ASP C 52 -1.53 1.62 7.68
N ALA C 53 -1.17 2.91 7.67
CA ALA C 53 0.16 3.30 7.20
C ALA C 53 1.13 3.25 8.36
N ALA C 54 2.36 2.80 8.09
CA ALA C 54 3.42 2.73 9.09
C ALA C 54 3.88 4.12 9.55
N ILE C 55 4.12 5.02 8.59
CA ILE C 55 4.56 6.40 8.89
C ILE C 55 3.36 7.35 9.03
N HIS C 56 3.40 8.22 10.04
CA HIS C 56 2.33 9.21 10.29
C HIS C 56 2.83 10.61 10.40
N GLY C 57 2.10 11.54 9.80
CA GLY C 57 2.46 12.97 9.84
C GLY C 57 3.74 13.25 9.09
N PHE C 58 3.74 12.95 7.80
CA PHE C 58 4.97 12.98 7.02
C PHE C 58 4.82 13.49 5.60
N ARG C 59 5.94 13.96 5.06
CA ARG C 59 6.12 14.10 3.62
C ARG C 59 7.48 13.45 3.31
N GLU C 60 7.64 12.97 2.09
CA GLU C 60 8.85 12.25 1.72
C GLU C 60 9.29 12.54 0.31
N THR C 61 10.54 12.19 0.01
CA THR C 61 11.05 12.27 -1.36
C THR C 61 12.07 11.17 -1.64
N GLU C 62 12.25 10.87 -2.92
CA GLU C 62 13.31 10.00 -3.37
C GLU C 62 14.32 10.86 -4.12
N LYS C 63 15.57 10.85 -3.66
CA LYS C 63 16.61 11.69 -4.24
C LYS C 63 17.77 10.87 -4.78
N SER C 64 18.21 11.18 -6.00
CA SER C 64 19.28 10.44 -6.66
C SER C 64 20.21 11.33 -7.49
N ARG C 65 19.97 12.63 -7.45
CA ARG C 65 20.88 13.62 -8.02
C ARG C 65 21.29 14.53 -6.86
N TRP C 66 22.59 14.59 -6.60
CA TRP C 66 23.13 15.33 -5.46
C TRP C 66 24.13 16.33 -5.93
N SER C 67 24.37 17.37 -5.12
CA SER C 67 25.48 18.27 -5.36
C SER C 67 26.75 17.56 -4.91
N GLU C 68 27.91 18.16 -5.18
CA GLU C 68 29.20 17.55 -4.83
C GLU C 68 29.40 17.41 -3.33
N ALA C 69 28.92 18.40 -2.58
CA ALA C 69 28.99 18.38 -1.12
C ALA C 69 28.12 17.23 -0.56
N SER C 70 26.90 17.10 -1.10
CA SER C 70 25.99 16.02 -0.70
C SER C 70 26.43 14.62 -1.16
N MSE C 71 27.10 14.56 -2.31
CA MSE C 71 27.67 13.32 -2.83
C MSE C 71 28.79 12.81 -1.96
O MSE C 71 28.99 11.60 -1.82
CB MSE C 71 28.21 13.54 -4.24
CG MSE C 71 27.27 13.01 -5.31
SE MSE C 71 27.07 11.05 -5.13
CE MSE C 71 25.54 10.81 -6.35
N ALA C 72 29.55 13.74 -1.37
CA ALA C 72 30.64 13.40 -0.47
C ALA C 72 30.13 12.67 0.78
N ILE C 73 29.13 13.25 1.43
CA ILE C 73 28.48 12.68 2.62
C ILE C 73 27.87 11.31 2.32
N MSE C 74 27.22 11.20 1.16
CA MSE C 74 26.49 9.99 0.78
C MSE C 74 27.44 8.85 0.67
O MSE C 74 27.20 7.77 1.23
CB MSE C 74 25.74 10.21 -0.53
CG MSE C 74 24.27 9.82 -0.40
SE MSE C 74 23.40 10.83 1.06
CE MSE C 74 23.17 9.44 2.42
N ARG C 75 28.56 9.08 -0.01
CA ARG C 75 29.60 8.06 -0.20
C ARG C 75 30.26 7.65 1.13
N ARG C 76 30.44 8.60 2.05
CA ARG C 76 30.90 8.31 3.42
C ARG C 76 29.97 7.31 4.11
N VAL C 77 28.66 7.56 3.99
CA VAL C 77 27.63 6.66 4.52
C VAL C 77 27.75 5.26 3.91
N GLN C 78 27.80 5.18 2.57
CA GLN C 78 27.94 3.88 1.89
C GLN C 78 29.17 3.12 2.39
N ALA C 79 30.30 3.81 2.44
CA ALA C 79 31.57 3.24 2.90
C ALA C 79 31.53 2.82 4.37
N ALA C 80 30.79 3.56 5.19
CA ALA C 80 30.66 3.24 6.61
C ALA C 80 29.68 2.09 6.90
N ALA C 81 28.70 1.90 6.00
CA ALA C 81 27.55 1.04 6.30
C ALA C 81 27.35 -0.18 5.40
N PHE C 82 27.82 -0.09 4.16
CA PHE C 82 27.57 -1.15 3.17
C PHE C 82 28.87 -1.88 2.78
N GLY C 83 28.77 -3.22 2.67
CA GLY C 83 29.92 -4.10 2.45
C GLY C 83 30.73 -3.82 1.18
N PRO C 84 30.57 -4.65 0.13
CA PRO C 84 31.15 -4.36 -1.20
C PRO C 84 30.40 -3.24 -1.95
N GLN C 86 27.63 -3.73 -0.66
CA GLN C 86 26.52 -4.18 -1.50
C GLN C 86 26.16 -3.13 -2.56
N THR C 87 25.25 -3.50 -3.46
CA THR C 87 24.68 -2.56 -4.42
C THR C 87 23.53 -1.79 -3.78
N LEU C 88 23.65 -0.45 -3.79
CA LEU C 88 22.62 0.44 -3.24
C LEU C 88 21.39 0.50 -4.14
N LEU C 89 20.31 1.09 -3.65
CA LEU C 89 19.15 1.41 -4.49
C LEU C 89 19.52 2.62 -5.36
N SER C 90 18.82 2.79 -6.48
CA SER C 90 19.11 3.88 -7.41
C SER C 90 18.74 5.27 -6.87
N SER C 91 17.85 5.32 -5.86
CA SER C 91 17.60 6.57 -5.15
C SER C 91 17.75 6.44 -3.62
N VAL C 92 17.86 7.58 -2.94
CA VAL C 92 17.91 7.63 -1.49
C VAL C 92 16.61 8.23 -0.95
N HIS C 93 16.04 7.60 0.08
CA HIS C 93 14.77 8.01 0.66
C HIS C 93 14.97 9.11 1.67
N VAL C 94 14.36 10.27 1.42
CA VAL C 94 14.40 11.36 2.40
C VAL C 94 13.01 11.49 3.01
N LEU C 95 12.95 11.47 4.35
CA LEU C 95 11.69 11.47 5.08
C LEU C 95 11.59 12.65 6.04
N ASP C 96 10.45 13.33 6.01
CA ASP C 96 10.21 14.52 6.84
C ASP C 96 9.03 14.27 7.79
N LEU C 97 9.31 14.18 9.08
CA LEU C 97 8.28 14.02 10.09
C LEU C 97 8.07 15.33 10.84
N GLU C 98 6.82 15.76 10.95
CA GLU C 98 6.47 16.91 11.77
C GLU C 98 6.65 16.56 13.25
N ALA C 99 6.53 17.54 14.14
CA ALA C 99 6.71 17.30 15.57
C ALA C 99 5.73 16.25 16.07
N ARG C 100 4.54 16.23 15.47
CA ARG C 100 3.43 15.36 15.91
C ARG C 100 3.50 13.98 15.27
N GLY C 101 4.39 13.83 14.28
CA GLY C 101 4.54 12.59 13.52
C GLY C 101 5.35 11.53 14.23
N TYR C 102 5.29 10.31 13.69
CA TYR C 102 5.94 9.13 14.27
C TYR C 102 5.96 8.01 13.24
N ILE C 103 6.49 6.85 13.64
CA ILE C 103 6.55 5.68 12.76
C ILE C 103 6.17 4.45 13.58
N LYS C 104 5.18 3.71 13.10
CA LYS C 104 4.69 2.51 13.76
C LYS C 104 5.62 1.33 13.49
N PRO C 105 5.62 0.32 14.40
CA PRO C 105 6.46 -0.87 14.24
C PRO C 105 6.26 -1.55 12.90
N HIS C 106 7.35 -1.73 12.17
CA HIS C 106 7.33 -2.41 10.88
C HIS C 106 8.67 -3.02 10.54
N VAL C 107 8.63 -3.99 9.64
CA VAL C 107 9.82 -4.52 9.00
C VAL C 107 9.82 -3.95 7.58
N ASP C 108 10.95 -3.40 7.16
CA ASP C 108 11.09 -2.89 5.80
C ASP C 108 10.93 -4.02 4.79
N SER C 109 10.15 -3.78 3.74
CA SER C 109 9.88 -4.78 2.70
C SER C 109 11.12 -5.58 2.30
N ILE C 110 10.94 -6.90 2.24
CA ILE C 110 11.98 -7.82 1.74
C ILE C 110 11.95 -7.94 0.22
N LYS C 111 10.83 -7.50 -0.39
CA LYS C 111 10.68 -7.43 -1.84
C LYS C 111 11.53 -6.32 -2.46
N PHE C 112 11.60 -5.17 -1.81
CA PHE C 112 12.28 -4.01 -2.37
C PHE C 112 13.54 -3.55 -1.61
N CYS C 113 13.69 -4.00 -0.37
CA CYS C 113 14.86 -3.66 0.44
C CYS C 113 15.76 -4.87 0.70
N GLY C 114 17.08 -4.63 0.65
CA GLY C 114 18.08 -5.66 0.96
C GLY C 114 18.37 -5.77 2.45
N ALA C 115 19.50 -6.41 2.77
CA ALA C 115 19.85 -6.74 4.15
C ALA C 115 20.25 -5.55 5.04
N THR C 116 20.63 -4.43 4.44
CA THR C 116 21.17 -3.30 5.23
C THR C 116 20.41 -1.97 5.05
N ILE C 117 19.96 -1.42 6.18
CA ILE C 117 19.31 -0.11 6.25
C ILE C 117 20.21 0.88 7.00
N ALA C 118 20.51 2.03 6.38
CA ALA C 118 21.39 3.03 6.99
C ALA C 118 20.77 4.44 7.05
N GLY C 119 20.67 5.01 8.25
CA GLY C 119 19.93 6.26 8.45
C GLY C 119 20.61 7.42 9.17
N LEU C 120 20.62 8.58 8.52
CA LEU C 120 21.08 9.82 9.11
C LEU C 120 19.89 10.61 9.65
N SER C 121 20.01 11.15 10.86
CA SER C 121 18.94 11.97 11.45
C SER C 121 19.32 13.43 11.48
N LEU C 122 18.33 14.31 11.37
CA LEU C 122 18.60 15.74 11.30
C LEU C 122 17.58 16.55 12.09
N LEU C 123 17.94 17.80 12.37
CA LEU C 123 17.06 18.80 12.99
C LEU C 123 16.75 18.58 14.46
N SER C 124 16.20 17.41 14.78
CA SER C 124 15.70 17.13 16.14
C SER C 124 16.01 15.71 16.62
N PRO C 125 16.16 15.53 17.94
CA PRO C 125 16.40 14.20 18.52
C PRO C 125 15.15 13.32 18.51
N SER C 126 15.36 12.01 18.53
CA SER C 126 14.27 11.02 18.52
C SER C 126 14.75 9.64 18.99
N VAL C 127 13.80 8.76 19.34
CA VAL C 127 14.10 7.41 19.80
C VAL C 127 13.59 6.33 18.85
N MSE C 128 14.49 5.48 18.38
CA MSE C 128 14.13 4.32 17.56
C MSE C 128 14.04 3.10 18.44
O MSE C 128 15.05 2.70 19.04
CB MSE C 128 15.13 4.09 16.43
CG MSE C 128 14.82 2.81 15.65
SE MSE C 128 15.69 2.72 13.89
CE MSE C 128 14.73 4.16 12.95
N ARG C 129 12.86 2.51 18.54
CA ARG C 129 12.67 1.25 19.27
C ARG C 129 12.57 0.07 18.32
N LEU C 130 13.35 -0.96 18.61
CA LEU C 130 13.31 -2.23 17.88
C LEU C 130 12.65 -3.28 18.78
N VAL C 131 11.72 -4.05 18.23
CA VAL C 131 11.08 -5.13 18.98
C VAL C 131 11.24 -6.42 18.19
N HIS C 132 11.55 -7.51 18.89
CA HIS C 132 11.62 -8.83 18.26
C HIS C 132 10.24 -9.24 17.86
N THR C 133 10.09 -9.75 16.64
CA THR C 133 8.76 -10.02 16.08
C THR C 133 8.06 -11.24 16.68
N GLN C 134 8.82 -12.32 16.91
CA GLN C 134 8.26 -13.52 17.54
C GLN C 134 8.00 -13.33 19.05
N GLU C 135 8.94 -12.69 19.75
CA GLU C 135 8.81 -12.47 21.20
C GLU C 135 8.85 -10.97 21.58
N PRO C 136 7.70 -10.42 22.03
CA PRO C 136 7.56 -9.00 22.39
C PRO C 136 8.39 -8.53 23.59
N GLY C 137 8.87 -9.48 24.41
CA GLY C 137 9.63 -9.15 25.61
C GLY C 137 11.05 -8.66 25.36
N GLU C 138 11.52 -8.86 24.13
CA GLU C 138 12.90 -8.58 23.74
C GLU C 138 13.00 -7.32 22.86
N TRP C 139 13.49 -6.22 23.44
CA TRP C 139 13.54 -4.94 22.74
C TRP C 139 14.84 -4.19 22.90
N LEU C 140 15.11 -3.29 21.94
CA LEU C 140 16.18 -2.30 22.04
C LEU C 140 15.62 -0.88 21.93
N GLU C 141 16.42 0.11 22.31
CA GLU C 141 16.13 1.53 22.08
C GLU C 141 17.42 2.25 21.66
N LEU C 142 17.35 3.03 20.59
CA LEU C 142 18.52 3.75 20.10
C LEU C 142 18.24 5.24 20.05
N LEU C 143 19.06 6.02 20.76
CA LEU C 143 18.91 7.48 20.79
C LEU C 143 19.47 8.09 19.50
N LEU C 144 18.61 8.77 18.76
CA LEU C 144 18.98 9.32 17.46
C LEU C 144 19.00 10.84 17.47
N GLU C 145 20.16 11.39 17.80
CA GLU C 145 20.37 12.83 17.86
C GLU C 145 20.69 13.34 16.45
N PRO C 146 20.64 14.66 16.23
CA PRO C 146 21.03 15.21 14.92
C PRO C 146 22.48 14.86 14.55
N GLY C 147 22.75 14.73 13.25
CA GLY C 147 24.08 14.37 12.77
C GLY C 147 24.47 12.92 13.01
N SER C 148 23.65 12.18 13.76
CA SER C 148 23.91 10.75 14.00
C SER C 148 23.68 9.86 12.78
N LEU C 149 24.19 8.63 12.84
CA LEU C 149 24.03 7.65 11.77
C LEU C 149 23.74 6.30 12.38
N TYR C 150 22.60 5.71 12.04
CA TYR C 150 22.29 4.34 12.46
C TYR C 150 22.40 3.34 11.31
N ILE C 151 22.78 2.11 11.65
CA ILE C 151 22.89 1.01 10.69
C ILE C 151 22.11 -0.20 11.22
N LEU C 152 21.18 -0.71 10.40
CA LEU C 152 20.40 -1.90 10.73
C LEU C 152 20.64 -3.00 9.71
N ARG C 153 21.24 -4.09 10.17
CA ARG C 153 21.64 -5.21 9.32
C ARG C 153 21.23 -6.53 9.96
N GLY C 154 21.21 -7.59 9.16
CA GLY C 154 20.96 -8.95 9.63
C GLY C 154 19.70 -9.12 10.47
N SER C 155 19.88 -9.54 11.71
CA SER C 155 18.76 -9.85 12.61
C SER C 155 17.97 -8.61 13.04
N ALA C 156 18.65 -7.48 13.19
CA ALA C 156 17.98 -6.20 13.48
C ALA C 156 17.09 -5.74 12.30
N ARG C 157 17.34 -6.32 11.13
CA ARG C 157 16.67 -5.93 9.88
C ARG C 157 15.54 -6.90 9.47
N TYR C 158 15.67 -8.18 9.78
CA TYR C 158 14.64 -9.17 9.46
C TYR C 158 13.81 -9.63 10.67
N ASP C 159 14.44 -9.71 11.83
CA ASP C 159 13.79 -10.32 13.00
C ASP C 159 13.17 -9.31 13.94
N PHE C 160 13.51 -8.04 13.73
CA PHE C 160 13.01 -6.97 14.59
C PHE C 160 12.23 -5.95 13.79
N SER C 161 11.12 -5.51 14.37
CA SER C 161 10.39 -4.37 13.84
C SER C 161 11.07 -3.10 14.34
N HIS C 162 11.11 -2.07 13.50
CA HIS C 162 11.59 -0.76 13.97
C HIS C 162 10.52 0.30 13.92
N GLU C 163 10.68 1.32 14.76
CA GLU C 163 9.73 2.40 14.87
C GLU C 163 10.42 3.68 15.38
N ILE C 164 9.73 4.81 15.24
CA ILE C 164 10.18 6.07 15.84
C ILE C 164 9.06 6.54 16.75
N LEU C 165 9.37 6.73 18.03
CA LEU C 165 8.35 7.01 19.03
C LEU C 165 7.80 8.44 18.88
N ARG C 166 6.49 8.57 19.10
CA ARG C 166 5.81 9.86 19.07
C ARG C 166 6.04 10.61 20.37
N ASP C 167 5.92 11.94 20.33
CA ASP C 167 6.28 12.82 21.45
C ASP C 167 5.85 12.27 22.80
N GLU C 168 4.58 11.87 22.90
CA GLU C 168 4.00 11.33 24.14
C GLU C 168 4.69 10.06 24.63
N GLU C 169 5.10 9.21 23.69
CA GLU C 169 5.84 7.98 24.01
C GLU C 169 7.36 8.14 23.90
N SER C 170 7.83 9.36 23.62
CA SER C 170 9.25 9.58 23.33
C SER C 170 10.14 9.57 24.58
N PHE C 171 10.68 8.40 24.86
CA PHE C 171 11.53 8.19 26.01
C PHE C 171 12.70 7.32 25.60
N PHE C 172 13.90 7.75 26.00
CA PHE C 172 15.09 6.92 25.93
C PHE C 172 15.35 6.34 27.31
N GLY C 173 14.89 5.10 27.50
CA GLY C 173 14.82 4.53 28.84
C GLY C 173 13.90 5.41 29.66
N GLU C 174 14.46 6.05 30.68
CA GLU C 174 13.67 6.91 31.58
C GLU C 174 13.71 8.39 31.20
N ARG C 175 14.64 8.77 30.33
CA ARG C 175 14.76 10.15 29.93
C ARG C 175 13.78 10.50 28.81
N ARG C 176 13.04 11.58 29.00
CA ARG C 176 12.16 12.11 27.97
C ARG C 176 13.00 12.73 26.85
N ILE C 177 12.63 12.43 25.60
CA ILE C 177 13.25 13.03 24.43
C ILE C 177 12.19 13.82 23.64
N PRO C 178 12.08 15.14 23.90
CA PRO C 178 11.05 15.94 23.25
C PRO C 178 11.17 15.92 21.73
N ARG C 179 10.10 15.50 21.07
CA ARG C 179 10.07 15.35 19.63
C ARG C 179 9.85 16.68 18.93
N GLY C 180 10.59 16.89 17.83
CA GLY C 180 10.36 18.02 16.94
C GLY C 180 10.29 17.52 15.51
N ARG C 181 10.13 18.45 14.57
CA ARG C 181 10.18 18.12 13.15
C ARG C 181 11.55 17.49 12.86
N ARG C 182 11.54 16.27 12.34
CA ARG C 182 12.78 15.52 12.06
C ARG C 182 12.89 15.19 10.58
N ILE C 183 14.06 15.46 9.99
CA ILE C 183 14.37 14.95 8.65
C ILE C 183 15.33 13.76 8.75
N SER C 184 15.12 12.75 7.92
CA SER C 184 16.00 11.58 7.91
C SER C 184 16.30 11.13 6.49
N VAL C 185 17.52 10.62 6.29
CA VAL C 185 18.01 10.20 4.97
C VAL C 185 18.39 8.72 4.99
N ILE C 186 17.62 7.90 4.27
CA ILE C 186 17.70 6.44 4.41
C ILE C 186 18.27 5.75 3.17
N CYS C 187 19.37 5.02 3.37
CA CYS C 187 20.01 4.25 2.32
C CYS C 187 19.73 2.77 2.52
N ARG C 188 19.31 2.12 1.43
CA ARG C 188 19.01 0.70 1.46
C ARG C 188 19.78 -0.03 0.38
N SER C 189 20.29 -1.20 0.76
CA SER C 189 20.92 -2.12 -0.17
C SER C 189 19.85 -2.77 -1.08
N LEU C 190 20.29 -3.32 -2.20
CA LEU C 190 19.40 -4.07 -3.09
C LEU C 190 19.23 -5.48 -2.52
N PRO C 191 18.00 -6.04 -2.60
CA PRO C 191 17.67 -7.38 -2.10
C PRO C 191 18.72 -8.50 -2.37
MN MN D . 1.89 -6.31 -12.62
C1 AKG E . 1.03 -3.66 -13.07
O1 AKG E . 0.55 -2.51 -13.04
O2 AKG E . 0.91 -4.47 -12.12
C2 AKG E . 1.76 -4.10 -14.26
O5 AKG E . 2.64 -4.94 -14.10
C3 AKG E . 1.43 -3.55 -15.64
C4 AKG E . 2.58 -3.82 -16.59
C5 AKG E . 2.27 -3.46 -18.02
O3 AKG E . 2.36 -2.25 -18.38
O4 AKG E . 1.95 -4.37 -18.83
MN MN F . -2.47 6.36 -8.35
MN MN G . 23.97 -13.77 -28.48
MN MN H . -11.93 -3.21 6.86
C1 AKG I . -11.81 -0.50 6.13
O1 AKG I . -11.59 0.73 6.00
O2 AKG I . -10.88 -1.34 6.21
C2 AKG I . -13.19 -1.01 6.17
O5 AKG I . -13.36 -2.22 6.15
C3 AKG I . -14.36 -0.05 6.22
C4 AKG I . -15.61 -0.78 6.68
C5 AKG I . -16.77 0.17 6.92
O3 AKG I . -16.87 1.20 6.20
O4 AKG I . -17.56 -0.12 7.84
MN MN J . -6.57 8.17 1.72
MN MN K . 11.57 1.22 8.04
C1 AKG L . 10.97 3.67 6.64
O1 AKG L . 10.70 4.56 5.80
O2 AKG L . 10.70 2.46 6.43
C2 AKG L . 11.63 3.99 7.91
O5 AKG L . 11.59 3.15 8.80
C3 AKG L . 12.34 5.32 8.12
C4 AKG L . 13.00 5.36 9.50
C5 AKG L . 13.76 6.65 9.73
O3 AKG L . 13.23 7.75 9.47
O4 AKG L . 14.93 6.56 10.21
MN MN M . 4.33 9.61 -0.09
#